data_7WZB
#
_entry.id   7WZB
#
_cell.length_a   72.080
_cell.length_b   78.960
_cell.length_c   124.030
_cell.angle_alpha   90.000
_cell.angle_beta   90.000
_cell.angle_gamma   90.000
#
_symmetry.space_group_name_H-M   'P 21 2 21'
#
loop_
_entity.id
_entity.type
_entity.pdbx_description
1 polymer 'Lipopolysaccharide assembly protein B'
2 non-polymer 'ZINC ION'
3 non-polymer 'TRIETHYLENE GLYCOL'
4 water water
#
_entity_poly.entity_id   1
_entity_poly.type   'polypeptide(L)'
_entity_poly.pdbx_seq_one_letter_code
;GAMASAQQTKQDEANRLSRDYVAGVNFLLSNQQDKAVDLFLDMLKEDTGTVEAHLTLGNLFRSRGEVDRAIRIHQTLMES
ASLTYEQRLLAVQQLGRDYMAAGLYDRAEDMFNQLTDETEFRVGALQQLLQIYQLTSDWQKAIEVAERLVKLGKDKQRIE
IAHFYCELALQQMGNDDMDRAMALLKKGAAADKNSARVSIMMGRVYMARGDYAKAVESLQRVIVQDKELVSETLEMLQTC
YQQLGKNAEWAEFLRRAVEENTGAGAELMLADILEAREGSDAAQVYITRQLQRHPTMRVFHKLMDYHLNEAEEGRAKESL
MVLRDMVGEQVRSKPRYRCQKCGFTAYTLYWHCPSCRAWSTIKPIRGLDGQ
;
_entity_poly.pdbx_strand_id   B,A
#
loop_
_chem_comp.id
_chem_comp.type
_chem_comp.name
_chem_comp.formula
PGE non-polymer 'TRIETHYLENE GLYCOL' 'C6 H14 O4'
ZN non-polymer 'ZINC ION' 'Zn 2'
#
# COMPACT_ATOMS: atom_id res chain seq x y z
N ASP A 117 -18.74 19.11 35.68
CA ASP A 117 -18.03 19.93 36.66
C ASP A 117 -17.53 21.23 36.01
N GLU A 118 -16.92 22.11 36.82
CA GLU A 118 -16.37 23.35 36.29
C GLU A 118 -15.00 23.14 35.66
N THR A 119 -14.27 22.10 36.10
CA THR A 119 -12.96 21.82 35.52
C THR A 119 -13.10 21.21 34.12
N GLU A 120 -14.05 20.28 33.95
CA GLU A 120 -14.25 19.65 32.64
C GLU A 120 -14.67 20.66 31.58
N PHE A 121 -15.40 21.70 31.98
CA PHE A 121 -15.76 22.77 31.05
C PHE A 121 -14.54 23.54 30.59
N ARG A 122 -13.66 23.91 31.53
CA ARG A 122 -12.46 24.66 31.21
C ARG A 122 -11.50 23.82 30.36
N VAL A 123 -11.41 22.51 30.63
CA VAL A 123 -10.57 21.64 29.80
C VAL A 123 -11.03 21.69 28.36
N GLY A 124 -12.34 21.55 28.14
CA GLY A 124 -12.86 21.60 26.78
C GLY A 124 -12.60 22.92 26.09
N ALA A 125 -12.48 24.02 26.83
CA ALA A 125 -12.20 25.31 26.23
C ALA A 125 -10.73 25.43 25.84
N LEU A 126 -9.82 24.93 26.68
CA LEU A 126 -8.41 24.90 26.31
C LEU A 126 -8.20 24.07 25.03
N GLN A 127 -8.90 22.94 24.92
CA GLN A 127 -8.77 22.11 23.73
C GLN A 127 -9.20 22.84 22.47
N GLN A 128 -10.15 23.76 22.59
CA GLN A 128 -10.59 24.54 21.44
C GLN A 128 -9.56 25.59 21.07
N LEU A 129 -8.95 26.23 22.07
CA LEU A 129 -7.86 27.16 21.81
C LEU A 129 -6.67 26.43 21.21
N LEU A 130 -6.33 25.27 21.78
CA LEU A 130 -5.22 24.50 21.23
C LEU A 130 -5.48 24.10 19.79
N GLN A 131 -6.74 23.81 19.45
CA GLN A 131 -7.01 23.44 18.06
C GLN A 131 -6.83 24.64 17.14
N ILE A 132 -7.45 25.77 17.49
CA ILE A 132 -7.31 26.99 16.70
C ILE A 132 -5.85 27.42 16.56
N TYR A 133 -5.03 27.21 17.59
CA TYR A 133 -3.66 27.68 17.50
C TYR A 133 -2.79 26.74 16.66
N GLN A 134 -2.94 25.42 16.81
CA GLN A 134 -2.29 24.51 15.89
C GLN A 134 -2.62 24.86 14.45
N LEU A 135 -3.90 25.13 14.18
CA LEU A 135 -4.36 25.36 12.81
C LEU A 135 -3.79 26.65 12.21
N THR A 136 -3.35 27.59 13.05
CA THR A 136 -2.80 28.86 12.60
C THR A 136 -1.29 28.95 12.76
N SER A 137 -0.65 27.82 13.09
CA SER A 137 0.81 27.74 13.25
C SER A 137 1.32 28.68 14.35
N ASP A 138 0.44 29.03 15.29
CA ASP A 138 0.75 29.89 16.43
C ASP A 138 1.38 29.02 17.53
N TRP A 139 2.59 28.52 17.23
CA TRP A 139 3.22 27.54 18.09
C TRP A 139 3.47 28.07 19.48
N GLN A 140 3.79 29.36 19.59
CA GLN A 140 4.05 29.94 20.92
C GLN A 140 2.79 29.95 21.76
N LYS A 141 1.70 30.51 21.21
CA LYS A 141 0.41 30.44 21.89
C LYS A 141 -0.04 28.99 22.09
N ALA A 142 0.32 28.09 21.15
CA ALA A 142 -0.08 26.69 21.30
C ALA A 142 0.62 26.03 22.49
N ILE A 143 1.88 26.38 22.74
CA ILE A 143 2.61 25.84 23.89
C ILE A 143 1.97 26.29 25.20
N GLU A 144 1.52 27.54 25.26
CA GLU A 144 0.93 28.07 26.51
C GLU A 144 -0.32 27.28 26.88
N VAL A 145 -1.22 27.10 25.92
CA VAL A 145 -2.43 26.33 26.15
C VAL A 145 -2.08 24.88 26.47
N ALA A 146 -1.13 24.30 25.73
CA ALA A 146 -0.79 22.91 25.96
C ALA A 146 -0.17 22.70 27.34
N GLU A 147 0.65 23.64 27.81
CA GLU A 147 1.24 23.52 29.14
C GLU A 147 0.15 23.57 30.23
N ARG A 148 -0.96 24.27 29.98
CA ARG A 148 -2.04 24.32 30.96
C ARG A 148 -2.75 22.98 31.08
N LEU A 149 -3.04 22.34 29.94
CA LEU A 149 -3.67 21.03 29.96
C LEU A 149 -2.80 20.01 30.69
N VAL A 150 -1.49 20.07 30.48
CA VAL A 150 -0.57 19.19 31.20
C VAL A 150 -0.73 19.38 32.70
N LYS A 151 -0.87 20.63 33.14
CA LYS A 151 -1.07 20.92 34.57
C LYS A 151 -2.38 20.30 35.07
N LEU A 152 -3.36 20.11 34.20
CA LEU A 152 -4.63 19.54 34.61
C LEU A 152 -4.62 18.01 34.64
N GLY A 153 -3.68 17.38 33.93
CA GLY A 153 -3.55 15.94 34.03
C GLY A 153 -3.46 15.25 32.69
N LYS A 154 -3.59 16.03 31.61
CA LYS A 154 -3.51 15.53 30.25
C LYS A 154 -2.02 15.57 29.88
N ASP A 155 -1.29 14.57 30.36
CA ASP A 155 0.15 14.52 30.12
C ASP A 155 0.49 14.18 28.67
N LYS A 156 -0.41 13.51 27.92
CA LYS A 156 -0.10 13.17 26.53
C LYS A 156 0.11 14.40 25.66
N GLN A 157 -0.24 15.58 26.19
CA GLN A 157 -0.03 16.84 25.43
C GLN A 157 1.47 17.11 25.32
N ARG A 158 2.26 16.66 26.29
CA ARG A 158 3.71 16.87 26.24
C ARG A 158 4.31 16.38 24.93
N ILE A 159 3.60 15.48 24.23
CA ILE A 159 4.04 15.08 22.90
C ILE A 159 3.82 16.23 21.91
N GLU A 160 2.70 16.91 22.03
CA GLU A 160 2.41 18.04 21.11
C GLU A 160 3.30 19.23 21.47
N ILE A 161 3.70 19.35 22.74
CA ILE A 161 4.51 20.49 23.15
C ILE A 161 5.89 20.43 22.50
N ALA A 162 6.46 19.23 22.39
CA ALA A 162 7.79 19.10 21.79
C ALA A 162 7.76 19.37 20.30
N HIS A 163 6.65 19.01 19.62
CA HIS A 163 6.53 19.35 18.20
C HIS A 163 6.33 20.84 18.01
N PHE A 164 5.58 21.49 18.90
CA PHE A 164 5.42 22.93 18.83
C PHE A 164 6.78 23.61 18.93
N TYR A 165 7.65 23.11 19.80
CA TYR A 165 9.00 23.64 19.91
C TYR A 165 9.80 23.37 18.63
N CYS A 166 9.70 22.15 18.11
CA CYS A 166 10.43 21.83 16.88
C CYS A 166 10.00 22.69 15.71
N GLU A 167 8.73 23.14 15.71
CA GLU A 167 8.28 24.08 14.70
C GLU A 167 8.92 25.45 14.90
N LEU A 168 9.10 25.85 16.16
CA LEU A 168 9.81 27.08 16.47
C LEU A 168 11.29 26.95 16.16
N ALA A 169 11.91 25.83 16.53
CA ALA A 169 13.33 25.63 16.20
C ALA A 169 13.55 25.57 14.71
N LEU A 170 12.53 25.17 13.95
CA LEU A 170 12.61 25.20 12.49
C LEU A 170 12.54 26.63 11.97
N GLN A 171 11.82 27.53 12.66
CA GLN A 171 11.83 28.94 12.30
C GLN A 171 13.22 29.54 12.47
N GLN A 172 13.86 29.23 13.61
CA GLN A 172 15.17 29.82 13.89
C GLN A 172 16.26 29.20 13.01
N MET A 173 16.11 27.94 12.61
CA MET A 173 17.04 27.34 11.66
C MET A 173 16.97 28.01 10.30
N GLY A 174 15.84 28.64 9.96
CA GLY A 174 15.70 29.40 8.74
C GLY A 174 16.26 30.80 8.78
N ASN A 175 16.76 31.23 9.95
CA ASN A 175 17.45 32.49 10.12
C ASN A 175 18.90 32.31 10.53
N ASP A 176 19.46 31.11 10.31
CA ASP A 176 20.85 30.77 10.67
C ASP A 176 21.15 31.09 12.14
N ASP A 177 20.16 30.86 13.00
CA ASP A 177 20.28 31.08 14.43
C ASP A 177 20.31 29.73 15.14
N MET A 178 21.45 29.04 15.00
CA MET A 178 21.60 27.69 15.56
C MET A 178 21.55 27.67 17.08
N ASP A 179 21.89 28.78 17.73
CA ASP A 179 21.86 28.78 19.18
C ASP A 179 20.46 28.99 19.73
N ARG A 180 19.63 29.75 19.02
CA ARG A 180 18.24 29.91 19.45
C ARG A 180 17.43 28.64 19.20
N ALA A 181 17.67 27.98 18.06
CA ALA A 181 16.98 26.73 17.78
C ALA A 181 17.37 25.64 18.77
N MET A 182 18.67 25.47 19.01
CA MET A 182 19.12 24.47 19.97
C MET A 182 18.54 24.72 21.36
N ALA A 183 18.32 25.98 21.72
CA ALA A 183 17.66 26.26 22.98
C ALA A 183 16.22 25.74 22.98
N LEU A 184 15.51 25.94 21.88
CA LEU A 184 14.15 25.42 21.76
C LEU A 184 14.13 23.89 21.77
N LEU A 185 15.09 23.27 21.07
CA LEU A 185 15.15 21.80 21.04
C LEU A 185 15.40 21.23 22.43
N LYS A 186 16.24 21.88 23.24
CA LYS A 186 16.43 21.40 24.60
C LYS A 186 15.12 21.48 25.39
N LYS A 187 14.31 22.51 25.16
CA LYS A 187 13.00 22.57 25.79
C LYS A 187 12.10 21.44 25.31
N GLY A 188 12.15 21.13 24.01
CA GLY A 188 11.36 20.01 23.51
C GLY A 188 11.82 18.68 24.07
N ALA A 189 13.14 18.49 24.19
CA ALA A 189 13.66 17.27 24.81
C ALA A 189 13.16 17.13 26.24
N ALA A 190 12.99 18.25 26.95
CA ALA A 190 12.52 18.18 28.33
C ALA A 190 11.04 17.81 28.39
N ALA A 191 10.25 18.26 27.42
CA ALA A 191 8.83 17.89 27.39
C ALA A 191 8.65 16.43 26.99
N ASP A 192 9.32 16.00 25.92
CA ASP A 192 9.20 14.64 25.40
C ASP A 192 10.58 14.02 25.33
N LYS A 193 10.92 13.19 26.33
CA LYS A 193 12.12 12.39 26.30
C LYS A 193 12.16 11.45 25.09
N ASN A 194 10.99 11.07 24.57
CA ASN A 194 10.93 10.06 23.52
C ASN A 194 10.75 10.62 22.11
N SER A 195 10.69 11.95 21.95
CA SER A 195 10.51 12.52 20.62
C SER A 195 11.77 12.28 19.80
N ALA A 196 11.68 11.37 18.83
CA ALA A 196 12.76 11.14 17.88
C ALA A 196 12.99 12.34 16.96
N ARG A 197 11.96 13.18 16.75
CA ARG A 197 12.15 14.37 15.93
C ARG A 197 13.12 15.34 16.57
N VAL A 198 13.07 15.48 17.91
CA VAL A 198 14.02 16.34 18.62
C VAL A 198 15.44 15.83 18.38
N SER A 199 15.65 14.52 18.49
CA SER A 199 16.98 13.96 18.31
C SER A 199 17.52 14.26 16.92
N ILE A 200 16.67 14.24 15.89
CA ILE A 200 17.15 14.47 14.54
C ILE A 200 17.51 15.94 14.35
N MET A 201 16.65 16.84 14.82
CA MET A 201 16.92 18.27 14.64
C MET A 201 18.14 18.72 15.43
N MET A 202 18.45 18.06 16.55
CA MET A 202 19.70 18.36 17.24
C MET A 202 20.90 17.81 16.49
N GLY A 203 20.69 16.79 15.65
CA GLY A 203 21.76 16.35 14.78
C GLY A 203 22.10 17.38 13.73
N ARG A 204 21.07 17.99 13.12
CA ARG A 204 21.30 19.06 12.15
C ARG A 204 21.98 20.27 12.80
N VAL A 205 21.71 20.54 14.06
CA VAL A 205 22.30 21.69 14.72
C VAL A 205 23.77 21.45 15.04
N TYR A 206 24.08 20.29 15.62
CA TYR A 206 25.48 19.95 15.86
C TYR A 206 26.27 19.94 14.56
N MET A 207 25.66 19.42 13.49
CA MET A 207 26.41 19.23 12.25
C MET A 207 26.72 20.55 11.56
N ALA A 208 25.83 21.54 11.69
CA ALA A 208 26.10 22.86 11.13
C ALA A 208 27.13 23.63 11.95
N ARG A 209 27.28 23.29 13.23
CA ARG A 209 28.28 23.89 14.09
C ARG A 209 29.59 23.09 14.11
N GLY A 210 29.69 22.08 13.25
CA GLY A 210 30.87 21.23 13.22
C GLY A 210 30.98 20.25 14.36
N ASP A 211 29.98 20.14 15.22
CA ASP A 211 30.06 19.30 16.42
C ASP A 211 29.63 17.86 16.08
N TYR A 212 30.41 17.23 15.19
CA TYR A 212 30.03 15.91 14.68
C TYR A 212 30.05 14.84 15.77
N ALA A 213 30.81 15.04 16.85
CA ALA A 213 30.81 14.05 17.94
C ALA A 213 29.46 13.99 18.62
N LYS A 214 28.87 15.14 18.94
CA LYS A 214 27.57 15.17 19.60
C LYS A 214 26.45 14.80 18.63
N ALA A 215 26.63 15.08 17.34
CA ALA A 215 25.59 14.78 16.35
C ALA A 215 25.30 13.29 16.29
N VAL A 216 26.34 12.46 16.32
CA VAL A 216 26.15 11.01 16.41
C VAL A 216 25.34 10.67 17.66
N GLU A 217 25.62 11.35 18.78
CA GLU A 217 25.00 10.98 20.04
C GLU A 217 23.48 11.16 19.99
N SER A 218 22.99 12.30 19.50
CA SER A 218 21.55 12.51 19.50
C SER A 218 20.88 11.72 18.39
N LEU A 219 21.54 11.62 17.21
CA LEU A 219 20.95 10.89 16.09
C LEU A 219 20.73 9.42 16.43
N GLN A 220 21.65 8.83 17.20
CA GLN A 220 21.55 7.43 17.60
C GLN A 220 20.51 7.18 18.69
N ARG A 221 20.10 8.20 19.43
CA ARG A 221 18.98 8.02 20.33
C ARG A 221 17.70 7.63 19.59
N VAL A 222 17.68 7.73 18.26
CA VAL A 222 16.47 7.37 17.51
C VAL A 222 16.23 5.86 17.58
N ILE A 223 17.30 5.06 17.60
CA ILE A 223 17.20 3.60 17.73
C ILE A 223 16.30 3.21 18.88
N VAL A 224 16.30 3.99 19.96
CA VAL A 224 15.45 3.73 21.12
C VAL A 224 14.09 4.41 20.97
N GLN A 225 14.09 5.65 20.49
CA GLN A 225 12.85 6.44 20.50
C GLN A 225 11.86 5.91 19.47
N ASP A 226 12.34 5.49 18.30
CA ASP A 226 11.45 5.10 17.21
C ASP A 226 12.24 4.31 16.16
N LYS A 227 12.29 2.99 16.29
CA LYS A 227 13.09 2.17 15.39
C LYS A 227 12.72 2.37 13.93
N GLU A 228 11.47 2.76 13.63
CA GLU A 228 11.01 2.95 12.27
C GLU A 228 11.57 4.20 11.62
N LEU A 229 12.24 5.08 12.37
CA LEU A 229 12.79 6.31 11.83
C LEU A 229 14.32 6.30 11.75
N VAL A 230 14.96 5.17 12.06
CA VAL A 230 16.42 5.13 12.04
C VAL A 230 16.94 5.38 10.62
N SER A 231 16.22 4.87 9.62
CA SER A 231 16.60 5.10 8.22
C SER A 231 16.68 6.59 7.90
N GLU A 232 15.97 7.42 8.64
CA GLU A 232 16.05 8.86 8.42
C GLU A 232 17.34 9.45 8.97
N THR A 233 18.13 8.70 9.75
CA THR A 233 19.37 9.19 10.30
C THR A 233 20.62 8.68 9.59
N LEU A 234 20.49 7.79 8.60
CA LEU A 234 21.66 7.12 8.05
C LEU A 234 22.57 8.08 7.28
N GLU A 235 21.98 8.96 6.46
CA GLU A 235 22.78 9.83 5.60
C GLU A 235 23.55 10.87 6.41
N MET A 236 22.94 11.39 7.47
CA MET A 236 23.69 12.32 8.31
C MET A 236 24.74 11.58 9.13
N LEU A 237 24.42 10.37 9.59
CA LEU A 237 25.39 9.59 10.34
C LEU A 237 26.57 9.17 9.45
N GLN A 238 26.30 8.79 8.20
CA GLN A 238 27.40 8.51 7.29
C GLN A 238 28.29 9.74 7.13
N THR A 239 27.70 10.94 7.16
CA THR A 239 28.49 12.16 7.07
C THR A 239 29.27 12.38 8.37
N CYS A 240 28.68 12.03 9.51
CA CYS A 240 29.34 12.25 10.79
C CYS A 240 30.52 11.32 10.98
N TYR A 241 30.42 10.08 10.48
CA TYR A 241 31.48 9.11 10.70
C TYR A 241 32.65 9.33 9.74
N GLN A 242 32.40 9.87 8.55
CA GLN A 242 33.54 10.16 7.68
C GLN A 242 34.28 11.40 8.16
N GLN A 243 33.58 12.36 8.78
CA GLN A 243 34.26 13.56 9.27
C GLN A 243 35.13 13.27 10.49
N LEU A 244 34.81 12.23 11.25
CA LEU A 244 35.63 11.78 12.37
C LEU A 244 36.65 10.72 11.96
N GLY A 245 36.67 10.30 10.71
CA GLY A 245 37.55 9.23 10.32
C GLY A 245 37.19 7.86 10.84
N LYS A 246 36.00 7.71 11.43
CA LYS A 246 35.55 6.43 11.96
C LYS A 246 34.75 5.64 10.94
N ASN A 247 35.26 5.54 9.71
CA ASN A 247 34.55 4.84 8.66
C ASN A 247 34.42 3.35 8.93
N ALA A 248 35.33 2.78 9.73
CA ALA A 248 35.25 1.36 10.06
C ALA A 248 34.13 1.08 11.05
N GLU A 249 33.91 1.99 12.00
CA GLU A 249 32.81 1.80 12.94
C GLU A 249 31.46 1.99 12.27
N TRP A 250 31.40 2.90 11.28
CA TRP A 250 30.18 3.04 10.50
C TRP A 250 29.78 1.71 9.88
N ALA A 251 30.74 0.99 9.30
CA ALA A 251 30.41 -0.29 8.72
C ALA A 251 29.83 -1.24 9.77
N GLU A 252 30.43 -1.29 10.96
CA GLU A 252 29.90 -2.14 12.01
C GLU A 252 28.51 -1.70 12.45
N PHE A 253 28.27 -0.39 12.51
CA PHE A 253 26.93 0.10 12.84
C PHE A 253 25.91 -0.34 11.77
N LEU A 254 26.36 -0.38 10.52
CA LEU A 254 25.47 -0.72 9.41
C LEU A 254 25.13 -2.21 9.39
N ARG A 255 26.14 -3.07 9.55
CA ARG A 255 25.88 -4.49 9.69
C ARG A 255 24.85 -4.74 10.78
N ARG A 256 24.99 -4.08 11.93
CA ARG A 256 24.00 -4.22 12.99
C ARG A 256 22.64 -3.66 12.56
N ALA A 257 22.64 -2.59 11.75
CA ALA A 257 21.39 -2.00 11.27
C ALA A 257 20.71 -2.87 10.23
N VAL A 258 21.49 -3.48 9.33
CA VAL A 258 20.92 -4.39 8.36
C VAL A 258 20.34 -5.61 9.06
N GLU A 259 21.03 -6.13 10.08
CA GLU A 259 20.54 -7.33 10.76
C GLU A 259 19.30 -7.04 11.59
N GLU A 260 19.21 -5.86 12.20
CA GLU A 260 17.98 -5.45 12.87
C GLU A 260 16.91 -4.91 11.90
N ASN A 261 17.09 -5.12 10.59
CA ASN A 261 16.08 -4.83 9.55
C ASN A 261 15.69 -3.34 9.53
N THR A 262 16.69 -2.48 9.34
CA THR A 262 16.41 -1.05 9.29
C THR A 262 15.80 -0.65 7.95
N GLY A 263 16.25 -1.25 6.86
CA GLY A 263 15.61 -1.01 5.60
C GLY A 263 16.59 -1.11 4.45
N ALA A 264 16.04 -0.91 3.24
CA ALA A 264 16.84 -1.00 2.02
C ALA A 264 17.88 0.11 1.96
N GLY A 265 17.61 1.26 2.57
CA GLY A 265 18.60 2.31 2.61
C GLY A 265 19.89 1.89 3.29
N ALA A 266 19.77 1.22 4.44
CA ALA A 266 20.95 0.66 5.11
C ALA A 266 21.55 -0.48 4.29
N GLU A 267 20.71 -1.35 3.73
CA GLU A 267 21.20 -2.45 2.92
C GLU A 267 22.02 -1.93 1.73
N LEU A 268 21.55 -0.88 1.07
CA LEU A 268 22.27 -0.33 -0.08
C LEU A 268 23.51 0.45 0.35
N MET A 269 23.42 1.14 1.50
CA MET A 269 24.60 1.82 2.02
C MET A 269 25.71 0.84 2.33
N LEU A 270 25.39 -0.26 3.03
CA LEU A 270 26.39 -1.27 3.33
C LEU A 270 26.94 -1.93 2.07
N ALA A 271 26.18 -1.91 0.97
CA ALA A 271 26.60 -2.58 -0.26
C ALA A 271 27.62 -1.74 -1.03
N ASP A 272 27.57 -0.41 -0.91
CA ASP A 272 28.64 0.41 -1.48
C ASP A 272 29.92 0.28 -0.65
N ILE A 273 29.79 0.22 0.68
CA ILE A 273 30.95 0.01 1.54
C ILE A 273 31.58 -1.35 1.26
N LEU A 274 30.76 -2.37 1.01
CA LEU A 274 31.30 -3.70 0.72
C LEU A 274 31.96 -3.75 -0.66
N GLU A 275 31.68 -2.78 -1.54
CA GLU A 275 32.36 -2.71 -2.82
C GLU A 275 33.67 -1.96 -2.72
N ALA A 276 33.72 -0.92 -1.87
CA ALA A 276 34.93 -0.15 -1.64
C ALA A 276 36.06 -0.98 -1.02
N ARG A 277 35.78 -2.21 -0.60
CA ARG A 277 36.80 -3.12 -0.07
C ARG A 277 37.04 -4.29 -1.01
N GLU A 278 36.00 -5.04 -1.37
CA GLU A 278 36.16 -6.27 -2.14
C GLU A 278 35.48 -6.20 -3.51
N GLY A 279 34.95 -5.05 -3.91
CA GLY A 279 34.47 -4.89 -5.27
C GLY A 279 33.13 -5.57 -5.55
N SER A 280 32.96 -6.03 -6.79
CA SER A 280 31.74 -6.72 -7.18
C SER A 280 31.87 -8.16 -6.70
N ASP A 281 30.88 -8.98 -7.07
CA ASP A 281 30.84 -10.39 -6.62
C ASP A 281 30.67 -10.42 -5.10
N ALA A 282 31.64 -9.88 -4.36
CA ALA A 282 31.58 -9.91 -2.90
C ALA A 282 30.39 -9.09 -2.39
N ALA A 283 30.17 -7.92 -2.97
CA ALA A 283 29.00 -7.12 -2.62
C ALA A 283 27.73 -7.70 -3.23
N GLN A 284 27.83 -8.34 -4.39
CA GLN A 284 26.65 -8.91 -5.05
C GLN A 284 26.05 -10.04 -4.23
N VAL A 285 26.86 -11.00 -3.78
CA VAL A 285 26.33 -12.15 -3.06
C VAL A 285 25.70 -11.71 -1.74
N TYR A 286 26.19 -10.61 -1.17
CA TYR A 286 25.54 -10.03 0.00
C TYR A 286 24.16 -9.51 -0.35
N ILE A 287 24.06 -8.80 -1.49
CA ILE A 287 22.79 -8.20 -1.88
C ILE A 287 21.78 -9.28 -2.24
N THR A 288 22.19 -10.27 -3.03
CA THR A 288 21.32 -11.39 -3.35
C THR A 288 20.83 -12.09 -2.09
N ARG A 289 21.69 -12.18 -1.06
CA ARG A 289 21.29 -12.74 0.21
C ARG A 289 20.24 -11.85 0.89
N GLN A 290 20.54 -10.56 1.04
CA GLN A 290 19.58 -9.64 1.65
C GLN A 290 18.30 -9.53 0.84
N LEU A 291 18.41 -9.59 -0.50
CA LEU A 291 17.22 -9.57 -1.32
C LEU A 291 16.32 -10.77 -1.05
N GLN A 292 16.92 -11.95 -0.88
CA GLN A 292 16.14 -13.13 -0.54
C GLN A 292 15.59 -13.04 0.88
N ARG A 293 16.39 -12.54 1.82
CA ARG A 293 15.93 -12.42 3.19
C ARG A 293 14.91 -11.30 3.39
N HIS A 294 14.81 -10.37 2.43
CA HIS A 294 14.00 -9.16 2.56
C HIS A 294 13.83 -8.50 1.19
N PRO A 295 12.90 -8.99 0.36
CA PRO A 295 12.80 -8.47 -1.02
C PRO A 295 12.31 -7.02 -1.03
N THR A 296 12.99 -6.19 -1.81
CA THR A 296 12.55 -4.84 -2.09
C THR A 296 12.87 -4.52 -3.54
N MET A 297 11.98 -3.74 -4.17
CA MET A 297 12.26 -3.21 -5.50
C MET A 297 13.59 -2.45 -5.54
N ARG A 298 13.88 -1.68 -4.48
CA ARG A 298 15.06 -0.82 -4.48
C ARG A 298 16.35 -1.64 -4.52
N VAL A 299 16.47 -2.64 -3.63
CA VAL A 299 17.63 -3.52 -3.65
C VAL A 299 17.66 -4.33 -4.94
N PHE A 300 16.50 -4.78 -5.41
CA PHE A 300 16.43 -5.44 -6.70
C PHE A 300 17.04 -4.55 -7.79
N HIS A 301 16.74 -3.26 -7.75
CA HIS A 301 17.31 -2.33 -8.72
C HIS A 301 18.83 -2.37 -8.68
N LYS A 302 19.42 -2.41 -7.48
CA LYS A 302 20.88 -2.48 -7.35
C LYS A 302 21.42 -3.81 -7.86
N LEU A 303 20.72 -4.91 -7.57
CA LEU A 303 21.14 -6.20 -8.10
C LEU A 303 21.20 -6.19 -9.62
N MET A 304 20.32 -5.41 -10.27
CA MET A 304 20.38 -5.34 -11.72
C MET A 304 21.64 -4.65 -12.20
N ASP A 305 22.11 -3.63 -11.47
CA ASP A 305 23.33 -2.92 -11.86
C ASP A 305 24.55 -3.82 -11.76
N TYR A 306 24.60 -4.68 -10.73
CA TYR A 306 25.71 -5.62 -10.62
C TYR A 306 25.74 -6.63 -11.76
N HIS A 307 24.60 -6.93 -12.39
CA HIS A 307 24.56 -7.98 -13.40
C HIS A 307 24.96 -7.50 -14.80
N LEU A 308 24.87 -6.20 -15.08
CA LEU A 308 25.38 -5.67 -16.35
C LEU A 308 26.78 -5.07 -16.21
N ASN A 309 27.15 -4.61 -15.01
CA ASN A 309 28.52 -4.20 -14.76
C ASN A 309 29.46 -5.38 -14.95
N GLU A 310 30.40 -5.24 -15.89
CA GLU A 310 31.32 -6.31 -16.27
C GLU A 310 30.57 -7.56 -16.72
N ALA A 311 29.50 -7.38 -17.48
CA ALA A 311 28.77 -8.49 -18.09
C ALA A 311 27.88 -8.02 -19.22
N GLU A 313 28.99 -6.11 -23.33
CA GLU A 313 28.01 -5.67 -24.30
C GLU A 313 27.76 -6.77 -25.32
N GLY A 314 26.53 -6.90 -25.78
CA GLY A 314 26.20 -8.01 -26.65
C GLY A 314 24.71 -8.24 -26.82
N ARG A 315 23.96 -7.15 -26.97
CA ARG A 315 22.54 -7.16 -27.34
C ARG A 315 21.62 -7.80 -26.30
N ALA A 316 22.20 -8.31 -25.22
CA ALA A 316 21.44 -8.70 -24.04
C ALA A 316 21.56 -7.65 -22.94
N LYS A 317 22.73 -7.01 -22.82
CA LYS A 317 22.83 -5.82 -21.96
C LYS A 317 21.77 -4.80 -22.34
N GLU A 318 21.57 -4.59 -23.64
CA GLU A 318 20.51 -3.68 -24.09
C GLU A 318 19.15 -4.15 -23.58
N SER A 319 18.92 -5.46 -23.57
CA SER A 319 17.67 -5.97 -23.02
C SER A 319 17.57 -5.74 -21.52
N LEU A 320 18.67 -5.98 -20.78
CA LEU A 320 18.62 -5.77 -19.33
C LEU A 320 18.60 -4.29 -18.99
N MET A 321 19.39 -3.48 -19.70
CA MET A 321 19.49 -2.05 -19.38
C MET A 321 18.13 -1.36 -19.46
N VAL A 322 17.28 -1.77 -20.40
CA VAL A 322 15.97 -1.14 -20.51
C VAL A 322 15.07 -1.59 -19.37
N LEU A 323 15.26 -2.80 -18.86
CA LEU A 323 14.48 -3.26 -17.71
C LEU A 323 14.96 -2.58 -16.44
N ARG A 324 16.27 -2.44 -16.27
CA ARG A 324 16.79 -1.76 -15.09
C ARG A 324 16.36 -0.30 -15.04
N ASP A 325 16.22 0.35 -16.20
CA ASP A 325 15.76 1.74 -16.19
C ASP A 325 14.33 1.83 -15.69
N MET A 326 13.47 0.91 -16.15
CA MET A 326 12.07 0.93 -15.77
C MET A 326 11.90 0.76 -14.27
N VAL A 327 12.68 -0.14 -13.68
CA VAL A 327 12.68 -0.29 -12.23
C VAL A 327 13.17 1.00 -11.56
N GLY A 328 14.34 1.49 -11.97
CA GLY A 328 14.86 2.75 -11.41
C GLY A 328 13.93 3.93 -11.62
N GLU A 329 13.17 3.93 -12.71
CA GLU A 329 12.17 4.97 -12.88
C GLU A 329 11.12 4.92 -11.78
N GLN A 330 10.83 3.73 -11.26
CA GLN A 330 9.90 3.63 -10.15
C GLN A 330 10.57 3.94 -8.82
N VAL A 331 11.87 3.70 -8.71
CA VAL A 331 12.57 4.04 -7.47
C VAL A 331 12.62 5.54 -7.28
N ARG A 332 12.94 6.31 -8.32
CA ARG A 332 13.09 7.76 -8.15
C ARG A 332 11.75 8.46 -7.95
N SER A 333 10.65 7.90 -8.45
CA SER A 333 9.38 8.62 -8.52
C SER A 333 8.31 8.11 -7.56
N LYS A 334 8.54 7.01 -6.84
CA LYS A 334 7.46 6.59 -5.96
C LYS A 334 7.59 7.26 -4.60
N PRO A 335 6.48 7.61 -3.98
CA PRO A 335 6.53 8.16 -2.62
C PRO A 335 6.98 7.09 -1.63
N ARG A 336 7.77 7.52 -0.65
CA ARG A 336 8.39 6.59 0.29
C ARG A 336 7.78 6.64 1.68
N TYR A 337 6.78 7.48 1.93
CA TYR A 337 6.25 7.69 3.27
C TYR A 337 4.73 7.54 3.24
N ARG A 338 4.16 7.10 4.36
CA ARG A 338 2.72 6.95 4.48
C ARG A 338 2.31 7.23 5.92
N CYS A 339 1.19 7.91 6.08
CA CYS A 339 0.64 8.16 7.40
C CYS A 339 -0.01 6.89 7.92
N GLN A 340 0.37 6.47 9.12
CA GLN A 340 -0.13 5.20 9.65
C GLN A 340 -1.59 5.28 10.09
N LYS A 341 -2.12 6.49 10.23
CA LYS A 341 -3.46 6.73 10.77
C LYS A 341 -4.49 6.88 9.65
N CYS A 342 -4.15 7.57 8.58
CA CYS A 342 -5.08 7.83 7.49
C CYS A 342 -4.60 7.38 6.12
N GLY A 343 -3.39 6.81 6.02
CA GLY A 343 -2.90 6.25 4.77
C GLY A 343 -2.47 7.26 3.74
N PHE A 344 -2.41 8.54 4.09
CA PHE A 344 -1.90 9.56 3.20
C PHE A 344 -0.44 9.26 2.92
N THR A 345 -0.05 9.32 1.65
CA THR A 345 1.33 9.07 1.25
C THR A 345 1.99 10.36 0.80
N ALA A 346 3.29 10.45 1.01
CA ALA A 346 4.03 11.67 0.74
C ALA A 346 5.47 11.33 0.34
N TYR A 347 6.09 12.28 -0.36
CA TYR A 347 7.48 12.10 -0.79
C TYR A 347 8.46 12.52 0.29
N THR A 348 8.04 13.36 1.22
CA THR A 348 8.85 13.84 2.31
C THR A 348 8.30 13.24 3.60
N LEU A 349 9.13 13.28 4.65
CA LEU A 349 8.66 12.88 5.97
C LEU A 349 8.02 14.09 6.64
N TYR A 350 6.69 14.18 6.55
CA TYR A 350 5.93 15.19 7.28
C TYR A 350 5.71 14.75 8.73
N TRP A 351 6.07 15.61 9.67
CA TRP A 351 5.77 15.33 11.07
C TRP A 351 4.31 15.61 11.41
N HIS A 352 3.70 16.61 10.76
CA HIS A 352 2.29 16.92 10.91
C HIS A 352 1.58 16.46 9.63
N CYS A 353 0.62 15.55 9.77
CA CYS A 353 0.00 14.97 8.59
C CYS A 353 -0.99 15.94 7.97
N PRO A 354 -0.76 16.42 6.75
CA PRO A 354 -1.69 17.40 6.16
C PRO A 354 -3.11 16.84 6.10
N SER A 355 -3.29 15.56 5.83
CA SER A 355 -4.61 14.95 5.81
C SER A 355 -5.36 14.86 7.14
N CYS A 356 -4.83 14.11 8.11
CA CYS A 356 -5.53 13.90 9.38
C CYS A 356 -4.96 14.73 10.54
N ARG A 357 -3.93 15.54 10.30
CA ARG A 357 -3.44 16.53 11.28
C ARG A 357 -2.78 15.87 12.49
N ALA A 358 -2.50 14.58 12.42
CA ALA A 358 -1.82 13.88 13.50
C ALA A 358 -0.32 14.17 13.51
N TRP A 359 0.31 13.90 14.65
CA TRP A 359 1.72 14.15 14.87
C TRP A 359 2.50 12.85 14.93
N SER A 360 3.62 12.80 14.19
CA SER A 360 4.54 11.66 14.21
C SER A 360 3.85 10.35 13.85
N THR A 361 2.95 10.40 12.86
CA THR A 361 2.34 9.20 12.30
C THR A 361 2.89 8.82 10.94
N ILE A 362 3.58 9.72 10.26
CA ILE A 362 4.11 9.42 8.94
C ILE A 362 5.44 8.70 9.11
N LYS A 363 5.53 7.50 8.53
CA LYS A 363 6.69 6.64 8.65
C LYS A 363 7.08 6.16 7.25
N PRO A 364 8.31 5.72 7.08
CA PRO A 364 8.70 5.17 5.77
C PRO A 364 7.87 3.95 5.42
N ILE A 365 7.49 3.87 4.14
CA ILE A 365 6.75 2.71 3.63
C ILE A 365 7.66 1.49 3.65
N ARG A 366 7.24 0.44 4.35
CA ARG A 366 7.96 -0.81 4.37
C ARG A 366 7.39 -1.76 3.32
N GLY A 367 8.23 -2.67 2.86
CA GLY A 367 7.81 -3.73 1.96
C GLY A 367 8.57 -3.95 0.66
N LEU A 368 7.80 -4.31 -0.37
CA LEU A 368 8.28 -4.30 -1.75
C LEU A 368 8.22 -2.90 -2.36
N ASP A 369 7.16 -2.15 -2.08
CA ASP A 369 7.02 -0.79 -2.59
C ASP A 369 8.04 0.18 -2.00
N GLY A 370 8.71 -0.20 -0.91
CA GLY A 370 9.50 0.74 -0.13
C GLY A 370 10.61 -0.04 0.54
N GLN A 371 11.18 0.52 1.62
CA GLN A 371 12.31 -0.09 2.33
C GLN A 371 12.28 -1.52 2.88
N THR B 119 -35.80 0.86 20.26
CA THR B 119 -36.43 0.07 21.31
C THR B 119 -35.37 -0.51 22.28
N GLU B 120 -34.18 0.10 22.28
CA GLU B 120 -33.10 -0.12 23.25
C GLU B 120 -32.75 -1.61 23.13
N PHE B 121 -32.44 -2.27 24.25
CA PHE B 121 -31.99 -3.66 24.23
C PHE B 121 -32.51 -4.59 23.13
N ARG B 122 -33.63 -4.25 22.51
CA ARG B 122 -34.19 -5.10 21.46
C ARG B 122 -33.33 -5.06 20.21
N VAL B 123 -32.74 -3.91 19.90
CA VAL B 123 -31.84 -3.82 18.76
C VAL B 123 -30.59 -4.68 18.98
N GLY B 124 -30.07 -4.69 20.22
CA GLY B 124 -28.93 -5.55 20.52
C GLY B 124 -29.24 -7.02 20.31
N ALA B 125 -30.42 -7.47 20.75
CA ALA B 125 -30.78 -8.87 20.57
C ALA B 125 -30.93 -9.22 19.10
N LEU B 126 -31.44 -8.31 18.27
CA LEU B 126 -31.54 -8.60 16.84
C LEU B 126 -30.16 -8.72 16.22
N GLN B 127 -29.28 -7.75 16.50
CA GLN B 127 -27.94 -7.79 15.93
C GLN B 127 -27.23 -9.10 16.26
N GLN B 128 -27.34 -9.57 17.50
CA GLN B 128 -26.78 -10.87 17.85
C GLN B 128 -27.43 -11.98 17.03
N LEU B 129 -28.76 -12.05 17.06
CA LEU B 129 -29.48 -13.01 16.24
C LEU B 129 -29.07 -12.93 14.78
N LEU B 130 -28.80 -11.72 14.28
CA LEU B 130 -28.38 -11.58 12.89
C LEU B 130 -27.02 -12.21 12.66
N GLN B 131 -26.09 -12.02 13.60
CA GLN B 131 -24.76 -12.61 13.43
C GLN B 131 -24.80 -14.12 13.61
N ILE B 132 -25.57 -14.61 14.59
CA ILE B 132 -25.59 -16.03 14.86
C ILE B 132 -26.24 -16.79 13.70
N TYR B 133 -27.23 -16.17 13.05
CA TYR B 133 -27.93 -16.80 11.93
C TYR B 133 -27.09 -16.87 10.68
N GLN B 134 -26.05 -16.04 10.59
CA GLN B 134 -25.12 -16.17 9.47
C GLN B 134 -24.09 -17.25 9.72
N LEU B 135 -23.65 -17.37 10.98
CA LEU B 135 -22.73 -18.44 11.35
C LEU B 135 -23.35 -19.80 11.10
N THR B 136 -24.62 -19.97 11.44
CA THR B 136 -25.33 -21.22 11.19
C THR B 136 -25.84 -21.33 9.76
N SER B 137 -25.34 -20.48 8.85
CA SER B 137 -25.70 -20.49 7.42
C SER B 137 -27.22 -20.56 7.22
N ASP B 138 -27.96 -19.83 8.04
CA ASP B 138 -29.43 -19.81 7.98
C ASP B 138 -29.87 -18.49 7.32
N TRP B 139 -29.78 -18.46 5.99
CA TRP B 139 -29.86 -17.19 5.28
C TRP B 139 -31.29 -16.63 5.30
N GLN B 140 -32.30 -17.50 5.18
CA GLN B 140 -33.67 -17.04 5.22
C GLN B 140 -34.01 -16.39 6.56
N LYS B 141 -33.58 -17.01 7.68
CA LYS B 141 -33.76 -16.40 8.99
C LYS B 141 -32.95 -15.11 9.11
N ALA B 142 -31.73 -15.10 8.55
CA ALA B 142 -30.94 -13.88 8.57
C ALA B 142 -31.65 -12.73 7.88
N ILE B 143 -32.41 -13.02 6.82
CA ILE B 143 -33.14 -11.95 6.13
C ILE B 143 -34.22 -11.38 7.03
N GLU B 144 -34.97 -12.24 7.73
CA GLU B 144 -36.04 -11.75 8.59
C GLU B 144 -35.52 -10.75 9.61
N VAL B 145 -34.43 -11.10 10.31
CA VAL B 145 -33.88 -10.20 11.31
C VAL B 145 -33.35 -8.93 10.66
N ALA B 146 -32.63 -9.08 9.55
CA ALA B 146 -32.06 -7.92 8.86
C ALA B 146 -33.15 -6.97 8.38
N GLU B 147 -34.30 -7.50 7.92
CA GLU B 147 -35.38 -6.64 7.48
C GLU B 147 -35.91 -5.79 8.63
N ARG B 148 -36.03 -6.36 9.84
CA ARG B 148 -36.47 -5.56 10.98
C ARG B 148 -35.48 -4.45 11.31
N LEU B 149 -34.18 -4.76 11.26
CA LEU B 149 -33.16 -3.74 11.52
C LEU B 149 -33.15 -2.66 10.46
N VAL B 150 -33.49 -2.99 9.21
CA VAL B 150 -33.54 -1.97 8.16
C VAL B 150 -34.57 -0.90 8.51
N LYS B 151 -35.77 -1.32 8.91
CA LYS B 151 -36.81 -0.38 9.29
C LYS B 151 -36.57 0.25 10.65
N LEU B 152 -35.70 -0.32 11.48
CA LEU B 152 -35.32 0.31 12.75
C LEU B 152 -34.20 1.33 12.58
N GLY B 153 -33.79 1.62 11.34
CA GLY B 153 -32.82 2.66 11.06
C GLY B 153 -31.46 2.22 10.54
N LYS B 154 -31.26 0.91 10.42
CA LYS B 154 -29.94 0.34 10.11
C LYS B 154 -29.99 0.12 8.60
N ASP B 155 -29.79 1.21 7.85
CA ASP B 155 -29.74 1.13 6.40
C ASP B 155 -28.60 0.26 5.88
N LYS B 156 -27.59 0.00 6.70
CA LYS B 156 -26.43 -0.77 6.24
C LYS B 156 -26.75 -2.25 6.02
N GLN B 157 -27.77 -2.79 6.69
CA GLN B 157 -28.14 -4.18 6.50
C GLN B 157 -28.79 -4.43 5.14
N ARG B 158 -29.16 -3.36 4.43
CA ARG B 158 -29.65 -3.50 3.06
C ARG B 158 -28.62 -4.21 2.19
N ILE B 159 -27.35 -3.82 2.32
CA ILE B 159 -26.24 -4.47 1.63
C ILE B 159 -26.23 -5.98 1.93
N GLU B 160 -26.39 -6.34 3.20
CA GLU B 160 -26.21 -7.73 3.61
C GLU B 160 -27.42 -8.60 3.27
N ILE B 161 -28.59 -7.99 3.06
CA ILE B 161 -29.78 -8.75 2.66
C ILE B 161 -29.63 -9.28 1.24
N ALA B 162 -29.02 -8.49 0.36
CA ALA B 162 -28.80 -8.94 -1.00
C ALA B 162 -27.84 -10.12 -1.04
N HIS B 163 -26.80 -10.10 -0.21
CA HIS B 163 -25.90 -11.25 -0.13
C HIS B 163 -26.63 -12.48 0.38
N PHE B 164 -27.63 -12.29 1.26
CA PHE B 164 -28.36 -13.45 1.77
C PHE B 164 -29.19 -14.09 0.67
N TYR B 165 -29.79 -13.28 -0.20
CA TYR B 165 -30.46 -13.84 -1.37
C TYR B 165 -29.47 -14.51 -2.32
N CYS B 166 -28.26 -13.97 -2.41
CA CYS B 166 -27.24 -14.62 -3.23
C CYS B 166 -26.87 -15.99 -2.68
N GLU B 167 -26.76 -16.10 -1.34
CA GLU B 167 -26.42 -17.38 -0.73
C GLU B 167 -27.56 -18.37 -0.85
N LEU B 168 -28.80 -17.90 -0.68
CA LEU B 168 -29.96 -18.75 -0.94
C LEU B 168 -29.96 -19.25 -2.38
N ALA B 169 -29.69 -18.35 -3.33
CA ALA B 169 -29.70 -18.75 -4.73
C ALA B 169 -28.60 -19.76 -5.01
N LEU B 170 -27.44 -19.60 -4.39
CA LEU B 170 -26.36 -20.57 -4.58
C LEU B 170 -26.81 -21.98 -4.24
N GLN B 171 -27.53 -22.16 -3.13
CA GLN B 171 -27.98 -23.49 -2.77
C GLN B 171 -29.22 -23.93 -3.53
N GLN B 172 -29.87 -23.01 -4.25
CA GLN B 172 -30.91 -23.41 -5.19
C GLN B 172 -30.32 -23.85 -6.52
N MET B 173 -29.11 -23.38 -6.86
CA MET B 173 -28.43 -23.85 -8.06
C MET B 173 -27.94 -25.27 -7.89
N GLY B 174 -27.62 -25.68 -6.66
CA GLY B 174 -27.27 -27.05 -6.35
C GLY B 174 -28.43 -28.02 -6.43
N ASN B 175 -29.66 -27.51 -6.51
CA ASN B 175 -30.86 -28.32 -6.78
C ASN B 175 -31.31 -28.22 -8.23
N ASP B 176 -30.56 -27.51 -9.07
CA ASP B 176 -30.86 -27.26 -10.48
C ASP B 176 -32.02 -26.31 -10.69
N ASP B 177 -32.66 -25.82 -9.63
CA ASP B 177 -33.78 -24.91 -9.78
C ASP B 177 -33.23 -23.52 -10.14
N MET B 178 -32.69 -23.41 -11.35
CA MET B 178 -32.03 -22.18 -11.79
C MET B 178 -33.00 -21.02 -11.91
N ASP B 179 -34.29 -21.29 -12.11
CA ASP B 179 -35.27 -20.22 -12.18
C ASP B 179 -35.66 -19.71 -10.80
N ARG B 180 -35.73 -20.58 -9.79
CA ARG B 180 -35.95 -20.10 -8.42
C ARG B 180 -34.72 -19.35 -7.93
N ALA B 181 -33.53 -19.79 -8.33
CA ALA B 181 -32.31 -19.04 -8.05
C ALA B 181 -32.40 -17.62 -8.63
N MET B 182 -32.86 -17.52 -9.88
CA MET B 182 -32.98 -16.21 -10.51
C MET B 182 -34.03 -15.34 -9.83
N ALA B 183 -35.05 -15.97 -9.23
CA ALA B 183 -36.03 -15.21 -8.45
C ALA B 183 -35.40 -14.64 -7.20
N LEU B 184 -34.54 -15.41 -6.54
CA LEU B 184 -33.84 -14.93 -5.36
C LEU B 184 -32.91 -13.77 -5.71
N LEU B 185 -32.24 -13.85 -6.86
CA LEU B 185 -31.34 -12.78 -7.26
C LEU B 185 -32.08 -11.49 -7.53
N LYS B 186 -33.28 -11.57 -8.11
CA LYS B 186 -34.03 -10.34 -8.37
C LYS B 186 -34.51 -9.70 -7.09
N LYS B 187 -34.83 -10.51 -6.07
CA LYS B 187 -35.11 -9.97 -4.75
C LYS B 187 -33.85 -9.34 -4.16
N GLY B 188 -32.69 -9.94 -4.41
CA GLY B 188 -31.45 -9.36 -3.93
C GLY B 188 -31.16 -8.02 -4.58
N ALA B 189 -31.28 -7.97 -5.91
CA ALA B 189 -31.16 -6.71 -6.63
C ALA B 189 -32.16 -5.68 -6.10
N ALA B 190 -33.36 -6.12 -5.73
CA ALA B 190 -34.31 -5.20 -5.11
C ALA B 190 -33.76 -4.64 -3.80
N ALA B 191 -33.04 -5.47 -3.03
CA ALA B 191 -32.49 -5.00 -1.76
C ALA B 191 -31.33 -4.03 -1.97
N ASP B 192 -30.42 -4.36 -2.88
CA ASP B 192 -29.24 -3.54 -3.14
C ASP B 192 -29.12 -3.36 -4.65
N LYS B 193 -29.39 -2.15 -5.13
CA LYS B 193 -29.24 -1.87 -6.56
C LYS B 193 -27.77 -1.88 -6.96
N ASN B 194 -26.87 -1.56 -6.04
CA ASN B 194 -25.45 -1.41 -6.35
C ASN B 194 -24.64 -2.68 -6.08
N SER B 195 -25.30 -3.78 -5.72
CA SER B 195 -24.58 -5.02 -5.47
C SER B 195 -24.01 -5.55 -6.78
N ALA B 196 -22.68 -5.58 -6.87
CA ALA B 196 -22.03 -6.17 -8.03
C ALA B 196 -22.11 -7.69 -8.03
N ARG B 197 -22.40 -8.30 -6.88
CA ARG B 197 -22.46 -9.75 -6.80
C ARG B 197 -23.73 -10.28 -7.48
N VAL B 198 -24.86 -9.61 -7.27
CA VAL B 198 -26.08 -10.04 -7.95
C VAL B 198 -25.90 -9.93 -9.47
N SER B 199 -25.15 -8.92 -9.94
CA SER B 199 -24.95 -8.75 -11.38
C SER B 199 -24.11 -9.87 -11.95
N ILE B 200 -23.11 -10.35 -11.19
CA ILE B 200 -22.27 -11.46 -11.62
C ILE B 200 -23.04 -12.76 -11.62
N MET B 201 -23.94 -12.93 -10.64
CA MET B 201 -24.67 -14.20 -10.55
C MET B 201 -25.80 -14.26 -11.57
N MET B 202 -26.51 -13.15 -11.76
CA MET B 202 -27.45 -13.07 -12.86
C MET B 202 -26.76 -13.27 -14.21
N GLY B 203 -25.49 -12.85 -14.32
CA GLY B 203 -24.72 -13.15 -15.52
C GLY B 203 -24.48 -14.63 -15.72
N ARG B 204 -24.10 -15.34 -14.63
CA ARG B 204 -23.89 -16.78 -14.75
C ARG B 204 -25.16 -17.49 -15.17
N VAL B 205 -26.33 -17.00 -14.73
CA VAL B 205 -27.60 -17.60 -15.11
C VAL B 205 -27.86 -17.41 -16.60
N TYR B 206 -27.78 -16.16 -17.09
CA TYR B 206 -28.02 -15.90 -18.50
C TYR B 206 -27.04 -16.65 -19.39
N MET B 207 -25.83 -16.90 -18.89
CA MET B 207 -24.87 -17.72 -19.64
C MET B 207 -25.30 -19.18 -19.64
N ALA B 208 -25.79 -19.68 -18.50
CA ALA B 208 -26.27 -21.06 -18.44
C ALA B 208 -27.37 -21.30 -19.45
N ARG B 209 -28.25 -20.31 -19.64
CA ARG B 209 -29.38 -20.42 -20.56
C ARG B 209 -28.99 -20.21 -22.01
N GLY B 210 -27.74 -19.82 -22.29
CA GLY B 210 -27.34 -19.43 -23.62
C GLY B 210 -27.77 -18.04 -24.04
N ASP B 211 -28.28 -17.23 -23.11
CA ASP B 211 -28.73 -15.86 -23.38
C ASP B 211 -27.56 -14.90 -23.19
N TYR B 212 -26.53 -15.09 -24.02
CA TYR B 212 -25.26 -14.37 -23.87
C TYR B 212 -25.38 -12.87 -24.07
N ALA B 213 -26.47 -12.38 -24.67
CA ALA B 213 -26.66 -10.94 -24.77
C ALA B 213 -27.02 -10.34 -23.41
N LYS B 214 -28.00 -10.95 -22.73
CA LYS B 214 -28.43 -10.42 -21.43
C LYS B 214 -27.34 -10.57 -20.38
N ALA B 215 -26.46 -11.57 -20.53
CA ALA B 215 -25.34 -11.71 -19.60
C ALA B 215 -24.38 -10.54 -19.72
N VAL B 216 -24.22 -9.98 -20.92
CA VAL B 216 -23.39 -8.80 -21.05
C VAL B 216 -24.10 -7.54 -20.53
N GLU B 217 -25.43 -7.48 -20.58
CA GLU B 217 -26.14 -6.30 -20.05
C GLU B 217 -25.99 -6.21 -18.52
N SER B 218 -26.11 -7.32 -17.81
CA SER B 218 -25.56 -7.41 -16.46
C SER B 218 -24.06 -7.62 -16.63
N LEU B 219 -23.33 -7.95 -15.57
CA LEU B 219 -21.87 -8.02 -15.68
C LEU B 219 -21.29 -6.66 -16.03
N GLN B 220 -21.72 -6.07 -17.16
CA GLN B 220 -21.31 -4.69 -17.44
C GLN B 220 -21.95 -3.70 -16.48
N ARG B 221 -23.05 -4.08 -15.82
CA ARG B 221 -23.56 -3.25 -14.72
C ARG B 221 -22.52 -3.08 -13.62
N VAL B 222 -21.53 -3.98 -13.53
CA VAL B 222 -20.54 -3.88 -12.47
C VAL B 222 -19.71 -2.62 -12.61
N ILE B 223 -19.57 -2.11 -13.83
CA ILE B 223 -18.77 -0.91 -14.05
C ILE B 223 -19.33 0.28 -13.27
N VAL B 224 -20.65 0.43 -13.25
CA VAL B 224 -21.31 1.47 -12.48
C VAL B 224 -21.40 1.11 -11.00
N GLN B 225 -21.44 -0.19 -10.67
CA GLN B 225 -21.71 -0.58 -9.30
C GLN B 225 -20.46 -0.57 -8.43
N ASP B 226 -19.34 -1.10 -8.94
CA ASP B 226 -18.09 -1.11 -8.18
C ASP B 226 -16.92 -1.30 -9.13
N LYS B 227 -16.35 -0.21 -9.65
CA LYS B 227 -15.32 -0.33 -10.68
C LYS B 227 -14.11 -1.14 -10.21
N GLU B 228 -13.94 -1.35 -8.90
CA GLU B 228 -12.83 -2.16 -8.42
C GLU B 228 -13.05 -3.65 -8.65
N LEU B 229 -14.23 -4.05 -9.11
CA LEU B 229 -14.60 -5.44 -9.34
C LEU B 229 -14.84 -5.76 -10.81
N VAL B 230 -14.54 -4.83 -11.71
CA VAL B 230 -14.69 -5.13 -13.13
C VAL B 230 -13.71 -6.21 -13.54
N SER B 231 -12.53 -6.27 -12.90
CA SER B 231 -11.56 -7.31 -13.20
C SER B 231 -12.15 -8.72 -13.06
N GLU B 232 -13.15 -8.90 -12.17
CA GLU B 232 -13.75 -10.21 -11.94
C GLU B 232 -14.70 -10.63 -13.04
N THR B 233 -15.25 -9.68 -13.80
CA THR B 233 -16.18 -9.96 -14.88
C THR B 233 -15.48 -10.20 -16.21
N LEU B 234 -14.16 -10.34 -16.21
CA LEU B 234 -13.42 -10.45 -17.46
C LEU B 234 -13.22 -11.87 -17.97
N GLU B 235 -13.22 -12.89 -17.09
CA GLU B 235 -13.15 -14.27 -17.59
C GLU B 235 -14.45 -14.65 -18.29
N MET B 236 -15.58 -14.43 -17.63
CA MET B 236 -16.82 -14.27 -18.36
C MET B 236 -16.78 -12.95 -19.14
N LEU B 237 -17.80 -12.70 -19.97
CA LEU B 237 -17.76 -11.52 -20.87
C LEU B 237 -16.70 -11.77 -21.94
N GLN B 238 -15.82 -12.74 -21.71
CA GLN B 238 -14.86 -13.12 -22.79
C GLN B 238 -15.61 -14.28 -23.45
N THR B 239 -15.96 -15.31 -22.68
CA THR B 239 -16.75 -16.39 -23.26
C THR B 239 -18.16 -15.93 -23.63
N CYS B 240 -18.51 -14.66 -23.41
CA CYS B 240 -19.76 -14.07 -23.88
C CYS B 240 -19.58 -13.37 -25.22
N TYR B 241 -18.54 -12.53 -25.33
CA TYR B 241 -18.22 -11.94 -26.63
C TYR B 241 -17.86 -13.04 -27.63
N GLN B 242 -17.02 -13.99 -27.22
CA GLN B 242 -16.93 -15.24 -27.96
C GLN B 242 -18.24 -16.00 -27.79
N GLN B 243 -18.72 -16.60 -28.88
CA GLN B 243 -20.02 -17.27 -29.02
C GLN B 243 -21.15 -16.28 -29.26
N LEU B 244 -20.95 -14.99 -28.99
CA LEU B 244 -21.80 -13.97 -29.60
C LEU B 244 -21.25 -13.52 -30.95
N GLY B 245 -20.05 -13.97 -31.32
CA GLY B 245 -19.42 -13.56 -32.55
C GLY B 245 -18.75 -12.20 -32.56
N LYS B 246 -18.57 -11.58 -31.40
CA LYS B 246 -18.03 -10.23 -31.33
C LYS B 246 -16.63 -10.12 -30.71
N ASN B 247 -15.69 -10.92 -31.23
CA ASN B 247 -14.31 -10.90 -30.75
C ASN B 247 -13.63 -9.55 -30.99
N ALA B 248 -13.98 -8.86 -32.08
CA ALA B 248 -13.40 -7.55 -32.32
C ALA B 248 -13.95 -6.52 -31.35
N GLU B 249 -15.25 -6.59 -31.06
CA GLU B 249 -15.85 -5.72 -30.05
C GLU B 249 -15.27 -6.01 -28.66
N TRP B 250 -14.82 -7.25 -28.45
CA TRP B 250 -14.19 -7.63 -27.18
C TRP B 250 -12.85 -6.91 -26.99
N ALA B 251 -11.99 -6.94 -28.01
CA ALA B 251 -10.70 -6.24 -27.91
C ALA B 251 -10.88 -4.75 -27.70
N GLU B 252 -11.94 -4.16 -28.27
CA GLU B 252 -12.22 -2.76 -27.99
C GLU B 252 -12.63 -2.56 -26.54
N PHE B 253 -13.41 -3.50 -25.98
CA PHE B 253 -13.80 -3.40 -24.58
C PHE B 253 -12.57 -3.49 -23.67
N LEU B 254 -11.67 -4.43 -23.97
CA LEU B 254 -10.44 -4.52 -23.20
C LEU B 254 -9.59 -3.26 -23.34
N ARG B 255 -9.45 -2.74 -24.56
CA ARG B 255 -8.67 -1.52 -24.74
C ARG B 255 -9.26 -0.37 -23.93
N ARG B 256 -10.59 -0.23 -23.96
CA ARG B 256 -11.23 0.80 -23.14
C ARG B 256 -11.19 0.46 -21.65
N ALA B 257 -10.93 -0.79 -21.29
CA ALA B 257 -10.81 -1.18 -19.88
C ALA B 257 -9.40 -0.96 -19.35
N VAL B 258 -8.39 -1.18 -20.18
CA VAL B 258 -7.00 -1.01 -19.74
C VAL B 258 -6.71 0.46 -19.45
N GLU B 259 -7.11 1.33 -20.37
CA GLU B 259 -6.87 2.76 -20.16
C GLU B 259 -7.75 3.30 -19.04
N GLU B 260 -8.93 2.70 -18.83
CA GLU B 260 -9.72 3.01 -17.64
C GLU B 260 -9.12 2.42 -16.37
N ASN B 261 -7.98 1.72 -16.50
CA ASN B 261 -7.16 1.25 -15.37
C ASN B 261 -7.64 0.02 -14.59
N THR B 262 -8.37 -0.84 -15.28
CA THR B 262 -8.85 -2.07 -14.67
C THR B 262 -7.86 -2.99 -13.97
N GLY B 263 -6.63 -3.05 -14.47
CA GLY B 263 -5.55 -3.69 -13.76
C GLY B 263 -4.76 -4.63 -14.66
N ALA B 264 -3.77 -5.27 -14.05
CA ALA B 264 -2.88 -6.16 -14.78
C ALA B 264 -3.62 -7.33 -15.40
N GLY B 265 -4.80 -7.69 -14.89
CA GLY B 265 -5.58 -8.75 -15.48
C GLY B 265 -6.06 -8.42 -16.88
N ALA B 266 -6.75 -7.29 -17.01
CA ALA B 266 -7.19 -6.82 -18.32
C ALA B 266 -6.01 -6.53 -19.24
N GLU B 267 -4.92 -6.00 -18.71
CA GLU B 267 -3.75 -5.70 -19.53
C GLU B 267 -3.20 -6.96 -20.18
N LEU B 268 -3.11 -8.06 -19.43
CA LEU B 268 -2.55 -9.29 -19.97
C LEU B 268 -3.55 -10.09 -20.83
N MET B 269 -4.85 -9.98 -20.53
CA MET B 269 -5.84 -10.52 -21.46
C MET B 269 -5.78 -9.81 -22.80
N LEU B 270 -5.63 -8.48 -22.79
CA LEU B 270 -5.42 -7.75 -24.04
C LEU B 270 -4.09 -8.14 -24.67
N ALA B 271 -3.03 -8.29 -23.88
CA ALA B 271 -1.73 -8.64 -24.46
C ALA B 271 -1.77 -10.00 -25.15
N ASP B 272 -2.55 -10.94 -24.63
CA ASP B 272 -2.69 -12.24 -25.30
C ASP B 272 -3.33 -12.08 -26.68
N ILE B 273 -4.36 -11.25 -26.78
CA ILE B 273 -5.07 -11.10 -28.06
C ILE B 273 -4.13 -10.60 -29.14
N LEU B 274 -3.22 -9.70 -28.78
CA LEU B 274 -2.33 -9.12 -29.78
C LEU B 274 -1.23 -10.11 -30.20
N GLU B 275 -0.67 -10.86 -29.26
CA GLU B 275 0.36 -11.84 -29.61
C GLU B 275 -0.15 -12.86 -30.61
N ALA B 276 -1.48 -13.04 -30.69
CA ALA B 276 -2.10 -13.92 -31.67
C ALA B 276 -2.55 -13.20 -32.93
N ARG B 277 -2.91 -11.91 -32.83
CA ARG B 277 -3.28 -11.14 -34.01
C ARG B 277 -2.08 -10.51 -34.71
N GLU B 278 -1.12 -9.96 -33.95
CA GLU B 278 -0.01 -9.21 -34.53
C GLU B 278 1.35 -9.71 -34.09
N GLY B 279 1.43 -10.82 -33.38
CA GLY B 279 2.71 -11.46 -33.10
C GLY B 279 3.26 -11.09 -31.75
N SER B 280 4.39 -11.76 -31.43
CA SER B 280 5.18 -11.51 -30.22
C SER B 280 5.97 -10.21 -30.22
N ASP B 281 6.18 -9.58 -31.37
CA ASP B 281 6.96 -8.36 -31.40
C ASP B 281 6.12 -7.12 -31.12
N ALA B 282 4.91 -7.05 -31.69
CA ALA B 282 4.03 -5.91 -31.46
C ALA B 282 3.43 -5.92 -30.07
N ALA B 283 3.46 -7.07 -29.39
CA ALA B 283 2.98 -7.17 -28.02
C ALA B 283 4.01 -6.66 -27.03
N GLN B 284 5.29 -6.95 -27.29
CA GLN B 284 6.35 -6.41 -26.45
C GLN B 284 6.34 -4.89 -26.44
N VAL B 285 6.14 -4.26 -27.61
CA VAL B 285 6.07 -2.81 -27.63
C VAL B 285 4.76 -2.29 -27.01
N TYR B 286 3.72 -3.13 -26.94
CA TYR B 286 2.49 -2.69 -26.28
C TYR B 286 2.64 -2.61 -24.78
N ILE B 287 3.05 -3.71 -24.13
CA ILE B 287 3.07 -3.70 -22.68
C ILE B 287 4.11 -2.71 -22.17
N THR B 288 5.19 -2.50 -22.93
CA THR B 288 6.17 -1.48 -22.53
C THR B 288 5.49 -0.14 -22.31
N ARG B 289 4.65 0.28 -23.26
CA ARG B 289 3.96 1.56 -23.11
C ARG B 289 2.96 1.54 -21.96
N GLN B 290 2.23 0.44 -21.81
CA GLN B 290 1.24 0.37 -20.73
C GLN B 290 1.90 0.23 -19.36
N LEU B 291 3.04 -0.46 -19.30
CA LEU B 291 3.73 -0.60 -18.01
C LEU B 291 4.26 0.73 -17.52
N GLN B 292 4.56 1.66 -18.43
CA GLN B 292 4.83 3.04 -18.02
C GLN B 292 3.58 3.70 -17.44
N ARG B 293 2.49 3.71 -18.21
CA ARG B 293 1.25 4.35 -17.75
C ARG B 293 0.76 3.76 -16.44
N HIS B 294 0.92 2.44 -16.25
CA HIS B 294 0.43 1.75 -15.05
C HIS B 294 1.40 0.65 -14.70
N PRO B 295 2.41 0.97 -13.87
CA PRO B 295 3.43 -0.03 -13.53
C PRO B 295 2.90 -1.04 -12.52
N THR B 296 3.15 -2.31 -12.81
CA THR B 296 2.77 -3.39 -11.91
C THR B 296 3.75 -4.53 -12.12
N MET B 297 4.06 -5.24 -11.04
CA MET B 297 5.09 -6.26 -11.12
C MET B 297 4.67 -7.42 -12.02
N ARG B 298 3.38 -7.71 -12.10
CA ARG B 298 2.93 -8.84 -12.91
C ARG B 298 3.22 -8.63 -14.38
N VAL B 299 2.93 -7.43 -14.90
CA VAL B 299 3.18 -7.15 -16.31
C VAL B 299 4.67 -7.06 -16.58
N PHE B 300 5.44 -6.54 -15.63
CA PHE B 300 6.89 -6.58 -15.73
C PHE B 300 7.40 -8.01 -15.84
N HIS B 301 6.78 -8.97 -15.14
CA HIS B 301 7.17 -10.36 -15.30
C HIS B 301 7.02 -10.80 -16.75
N LYS B 302 6.02 -10.27 -17.45
CA LYS B 302 5.81 -10.62 -18.88
C LYS B 302 7.05 -10.27 -19.70
N LEU B 303 8.19 -10.05 -19.04
CA LEU B 303 9.46 -9.70 -19.73
C LEU B 303 9.90 -10.86 -20.63
N MET B 304 9.26 -12.03 -20.49
CA MET B 304 9.59 -13.19 -21.36
C MET B 304 9.70 -12.70 -22.81
N ASP B 305 9.05 -11.58 -23.13
CA ASP B 305 9.14 -11.00 -24.47
C ASP B 305 10.58 -10.67 -24.81
N TYR B 306 11.30 -10.01 -23.89
CA TYR B 306 12.74 -9.91 -24.04
C TYR B 306 13.42 -11.28 -23.91
N HIS B 307 12.79 -12.25 -23.21
CA HIS B 307 13.45 -13.55 -23.07
C HIS B 307 13.29 -14.40 -24.30
N LEU B 308 12.48 -13.98 -25.28
CA LEU B 308 12.40 -14.71 -26.53
C LEU B 308 13.61 -14.47 -27.43
N ASN B 309 14.46 -13.51 -27.09
CA ASN B 309 15.68 -13.16 -27.81
C ASN B 309 16.91 -13.31 -26.90
N GLU B 310 18.02 -12.66 -27.29
CA GLU B 310 19.30 -12.56 -26.57
C GLU B 310 20.16 -13.82 -26.38
N ALA B 311 19.64 -15.00 -26.73
CA ALA B 311 20.36 -16.29 -26.61
C ALA B 311 21.29 -16.50 -25.41
N GLY B 314 24.52 -14.02 -24.36
CA GLY B 314 25.82 -14.38 -23.83
C GLY B 314 25.82 -14.71 -22.35
N ARG B 315 26.76 -14.12 -21.61
CA ARG B 315 26.80 -14.26 -20.16
C ARG B 315 25.59 -13.62 -19.48
N ALA B 316 24.83 -12.79 -20.20
CA ALA B 316 23.68 -12.09 -19.65
C ALA B 316 22.37 -12.84 -19.82
N LYS B 317 22.26 -13.71 -20.82
CA LYS B 317 21.10 -14.59 -20.90
C LYS B 317 20.97 -15.40 -19.62
N GLU B 318 22.10 -15.94 -19.13
CA GLU B 318 22.19 -16.62 -17.85
C GLU B 318 22.16 -15.66 -16.68
N SER B 319 22.11 -14.35 -16.94
CA SER B 319 21.90 -13.31 -15.94
C SER B 319 20.50 -12.74 -15.96
N LEU B 320 19.74 -12.94 -17.02
CA LEU B 320 18.42 -12.34 -17.13
C LEU B 320 17.31 -13.25 -16.64
N MET B 321 17.42 -14.56 -16.84
CA MET B 321 16.36 -15.45 -16.39
C MET B 321 16.40 -15.67 -14.89
N VAL B 322 17.58 -15.48 -14.26
CA VAL B 322 17.62 -15.50 -12.80
C VAL B 322 16.88 -14.29 -12.25
N LEU B 323 17.01 -13.14 -12.91
CA LEU B 323 16.25 -11.96 -12.51
C LEU B 323 14.75 -12.18 -12.73
N ARG B 324 14.38 -12.84 -13.83
CA ARG B 324 12.97 -13.09 -14.07
C ARG B 324 12.39 -14.02 -13.01
N ASP B 325 13.13 -15.06 -12.63
CA ASP B 325 12.61 -16.03 -11.68
C ASP B 325 12.37 -15.40 -10.31
N MET B 326 13.27 -14.52 -9.88
CA MET B 326 13.03 -13.73 -8.69
C MET B 326 11.69 -13.02 -8.78
N VAL B 327 11.44 -12.32 -9.88
CA VAL B 327 10.14 -11.67 -10.08
C VAL B 327 9.03 -12.72 -10.09
N GLY B 328 9.26 -13.86 -10.72
CA GLY B 328 8.23 -14.89 -10.79
C GLY B 328 7.83 -15.44 -9.44
N GLU B 329 8.79 -15.65 -8.54
CA GLU B 329 8.43 -16.12 -7.21
C GLU B 329 7.47 -15.15 -6.53
N GLN B 330 7.75 -13.85 -6.62
CA GLN B 330 6.91 -12.84 -5.98
C GLN B 330 5.52 -12.77 -6.62
N VAL B 331 5.41 -13.00 -7.94
CA VAL B 331 4.10 -12.91 -8.58
C VAL B 331 3.13 -13.94 -8.03
N ARG B 332 3.62 -15.16 -7.77
CA ARG B 332 2.73 -16.22 -7.30
C ARG B 332 2.57 -16.25 -5.78
N SER B 333 3.59 -15.82 -5.03
CA SER B 333 3.50 -15.87 -3.57
C SER B 333 2.69 -14.70 -3.01
N LYS B 334 2.66 -13.58 -3.72
CA LYS B 334 1.97 -12.39 -3.23
C LYS B 334 0.47 -12.58 -3.30
N PRO B 335 -0.28 -12.27 -2.24
CA PRO B 335 -1.74 -12.39 -2.31
C PRO B 335 -2.32 -11.46 -3.37
N ARG B 336 -3.60 -11.72 -3.70
CA ARG B 336 -4.30 -10.99 -4.75
C ARG B 336 -5.42 -10.10 -4.22
N TYR B 337 -5.98 -10.39 -3.04
CA TYR B 337 -7.11 -9.63 -2.50
C TYR B 337 -6.88 -9.31 -1.02
N ARG B 338 -7.39 -8.15 -0.59
CA ARG B 338 -7.25 -7.71 0.80
C ARG B 338 -8.54 -7.07 1.31
N CYS B 339 -8.91 -7.37 2.55
CA CYS B 339 -10.07 -6.77 3.18
C CYS B 339 -9.78 -5.33 3.58
N GLN B 340 -10.73 -4.44 3.32
CA GLN B 340 -10.52 -3.03 3.64
C GLN B 340 -10.82 -2.71 5.09
N LYS B 341 -11.48 -3.62 5.82
CA LYS B 341 -11.69 -3.44 7.26
C LYS B 341 -10.47 -3.92 8.04
N CYS B 342 -10.25 -5.23 8.07
CA CYS B 342 -9.06 -5.79 8.72
C CYS B 342 -8.00 -5.95 7.63
N GLY B 343 -6.91 -6.64 7.95
CA GLY B 343 -5.89 -6.86 6.94
C GLY B 343 -5.93 -8.16 6.18
N PHE B 344 -7.04 -8.89 6.32
CA PHE B 344 -7.13 -10.21 5.70
C PHE B 344 -6.75 -10.27 4.22
N THR B 345 -5.98 -11.29 3.85
CA THR B 345 -5.50 -11.43 2.48
C THR B 345 -5.65 -12.88 2.00
N ALA B 346 -5.95 -13.03 0.71
CA ALA B 346 -6.08 -14.33 0.07
C ALA B 346 -5.73 -14.19 -1.41
N TYR B 347 -5.58 -15.34 -2.06
CA TYR B 347 -5.34 -15.37 -3.49
C TYR B 347 -6.62 -15.29 -4.31
N THR B 348 -7.76 -15.71 -3.76
CA THR B 348 -9.05 -15.67 -4.42
C THR B 348 -9.96 -14.64 -3.74
N LEU B 349 -11.16 -14.46 -4.29
CA LEU B 349 -12.10 -13.45 -3.82
C LEU B 349 -13.12 -14.04 -2.87
N TYR B 350 -13.39 -13.31 -1.78
CA TYR B 350 -14.40 -13.69 -0.79
C TYR B 350 -15.40 -12.55 -0.63
N TRP B 351 -16.69 -12.88 -0.68
CA TRP B 351 -17.72 -11.88 -0.41
C TRP B 351 -17.88 -11.63 1.09
N HIS B 352 -17.72 -12.68 1.87
CA HIS B 352 -17.80 -12.65 3.33
C HIS B 352 -16.37 -12.83 3.85
N CYS B 353 -15.87 -11.87 4.61
CA CYS B 353 -14.47 -11.94 5.06
C CYS B 353 -14.31 -12.98 6.17
N PRO B 354 -13.50 -14.02 6.00
CA PRO B 354 -13.39 -15.06 7.03
C PRO B 354 -12.72 -14.60 8.31
N SER B 355 -12.35 -13.32 8.43
CA SER B 355 -11.77 -12.79 9.66
C SER B 355 -12.75 -11.89 10.40
N CYS B 356 -13.23 -10.82 9.76
CA CYS B 356 -14.11 -9.86 10.43
C CYS B 356 -15.58 -10.03 10.06
N ARG B 357 -15.92 -11.03 9.24
CA ARG B 357 -17.31 -11.41 8.97
C ARG B 357 -18.11 -10.29 8.30
N ALA B 358 -17.42 -9.39 7.59
CA ALA B 358 -18.02 -8.32 6.80
C ALA B 358 -18.32 -8.77 5.37
N TRP B 359 -19.19 -8.01 4.70
CA TRP B 359 -19.60 -8.28 3.33
C TRP B 359 -19.14 -7.15 2.42
N SER B 360 -18.68 -7.53 1.22
CA SER B 360 -18.29 -6.58 0.17
C SER B 360 -17.11 -5.71 0.60
N THR B 361 -16.21 -6.25 1.43
CA THR B 361 -15.05 -5.51 1.90
C THR B 361 -13.74 -5.98 1.30
N ILE B 362 -13.74 -7.10 0.57
CA ILE B 362 -12.52 -7.65 -0.02
C ILE B 362 -12.50 -7.25 -1.49
N LYS B 363 -11.50 -6.45 -1.87
CA LYS B 363 -11.33 -5.98 -3.24
C LYS B 363 -9.97 -6.43 -3.76
N PRO B 364 -9.71 -6.36 -5.07
CA PRO B 364 -8.36 -6.70 -5.58
C PRO B 364 -7.32 -5.72 -5.05
N ILE B 365 -6.12 -6.25 -4.80
CA ILE B 365 -5.00 -5.43 -4.32
C ILE B 365 -4.48 -4.61 -5.49
N ARG B 366 -4.64 -3.29 -5.41
CA ARG B 366 -4.18 -2.36 -6.43
C ARG B 366 -2.85 -1.73 -6.01
N GLY B 367 -1.83 -1.90 -6.84
CA GLY B 367 -0.53 -1.34 -6.55
C GLY B 367 0.54 -2.14 -7.25
N LEU B 368 1.78 -1.69 -7.06
CA LEU B 368 2.91 -2.39 -7.66
C LEU B 368 2.96 -3.84 -7.20
N ASP B 369 2.83 -4.08 -5.90
CA ASP B 369 2.77 -5.45 -5.39
C ASP B 369 1.55 -6.21 -5.87
N GLY B 370 0.68 -5.57 -6.65
CA GLY B 370 -0.56 -6.25 -7.06
C GLY B 370 -1.02 -5.95 -8.47
N GLN B 371 -2.29 -5.58 -8.64
CA GLN B 371 -2.86 -5.28 -9.98
C GLN B 371 -3.18 -3.78 -10.07
ZN ZN C . -2.78 11.25 8.37
C1 PGE D . 11.43 -8.95 -6.65
O1 PGE D . 12.55 -9.45 -5.93
C2 PGE D . 11.68 -7.60 -7.28
O2 PGE D . 10.57 -7.21 -8.07
C3 PGE D . 10.78 -5.98 -8.77
C4 PGE D . 9.60 -5.65 -9.66
O4 PGE D . 8.01 -2.20 -12.62
C6 PGE D . 9.05 -2.69 -11.80
C5 PGE D . 8.75 -4.02 -11.17
O3 PGE D . 9.83 -4.42 -10.34
ZN ZN E . -12.16 -8.55 7.00
#